data_9I6W
#
_entry.id   9I6W
#
_cell.length_a   82.875
_cell.length_b   113.008
_cell.length_c   62.923
_cell.angle_alpha   90.00
_cell.angle_beta   90.00
_cell.angle_gamma   90.00
#
_symmetry.space_group_name_H-M   'C 2 2 21'
#
loop_
_entity.id
_entity.type
_entity.pdbx_description
1 polymer '14-3-3 protein sigma'
2 polymer 'Estrogen receptor'
3 non-polymer 2-chloranyl-~{N}-[4-[3-[(2,6-dimethylphenyl)amino]-6-methyl-imidazo[1,2-a]pyridin-2-yl]-3-fluoranyl-phenyl]ethanamide
4 non-polymer 'CHLORIDE ION'
5 non-polymer 'CALCIUM ION'
6 water water
#
loop_
_entity_poly.entity_id
_entity_poly.type
_entity_poly.pdbx_seq_one_letter_code
_entity_poly.pdbx_strand_id
1 'polypeptide(L)'
;GAMGSMERASLIQKAKLAEQAERYEDMAAFMKGAVEKGEELSCEERNLLSVAYKNVVGGQRAAWRVLSSIEQKSNEEGSE
EKGPEVREYREKVETELQGVCDTVLGLLDSHLIKEAGDAESRVFYLKMKGDYYRYLAEVATGDDKKRIIDSARSAYQEAM
DISKKEMPPTNPIRLGLALNFSVFHYEIANSPEEAISLAKTTFDEAMADLHTLSEDSYKDSTLIMQLLRDNLTLWT
;
A
2 'polypeptide(L)' FPA(TPO)V B
#
loop_
_chem_comp.id
_chem_comp.type
_chem_comp.name
_chem_comp.formula
A1I0T non-polymer 2-chloranyl-~{N}-[4-[3-[(2,6-dimethylphenyl)amino]-6-methyl-imidazo[1,2-a]pyridin-2-yl]-3-fluoranyl-phenyl]ethanamide 'C24 H22 Cl F N4 O'
CA non-polymer 'CALCIUM ION' 'Ca 2'
CL non-polymer 'CHLORIDE ION' 'Cl -1'
#
# COMPACT_ATOMS: atom_id res chain seq x y z
N GLY A 1 -24.73 5.76 -1.38
CA GLY A 1 -23.63 6.39 -0.67
C GLY A 1 -24.16 7.34 0.40
N ALA A 2 -23.79 7.06 1.65
CA ALA A 2 -24.15 7.92 2.77
C ALA A 2 -23.54 9.31 2.62
N MET A 3 -22.48 9.45 1.80
CA MET A 3 -21.87 10.75 1.61
C MET A 3 -22.39 11.48 0.36
N GLY A 4 -23.41 10.91 -0.29
CA GLY A 4 -23.91 11.46 -1.53
C GLY A 4 -24.47 12.87 -1.45
N SER A 5 -24.97 13.24 -0.26
CA SER A 5 -25.53 14.55 -0.07
C SER A 5 -24.55 15.63 0.40
N MET A 6 -23.28 15.26 0.65
CA MET A 6 -22.30 16.21 1.14
C MET A 6 -21.46 16.73 -0.02
N GLU A 7 -21.19 18.04 -0.01
CA GLU A 7 -20.32 18.63 -1.01
C GLU A 7 -18.94 17.98 -1.07
N ARG A 8 -18.38 17.88 -2.27
CA ARG A 8 -17.02 17.38 -2.41
C ARG A 8 -16.03 18.13 -1.50
N ALA A 9 -16.09 19.47 -1.54
CA ALA A 9 -15.11 20.26 -0.79
C ALA A 9 -15.25 20.01 0.71
N SER A 10 -16.50 19.85 1.19
CA SER A 10 -16.77 19.56 2.58
C SER A 10 -16.23 18.19 3.00
N LEU A 11 -16.36 17.18 2.12
CA LEU A 11 -15.77 15.86 2.38
C LEU A 11 -14.24 15.96 2.54
N ILE A 12 -13.60 16.72 1.66
CA ILE A 12 -12.15 16.90 1.76
C ILE A 12 -11.77 17.63 3.05
N GLN A 13 -12.51 18.71 3.38
CA GLN A 13 -12.27 19.44 4.62
C GLN A 13 -12.38 18.51 5.83
N LYS A 14 -13.44 17.69 5.86
CA LYS A 14 -13.65 16.82 7.01
C LYS A 14 -12.65 15.67 7.04
N ALA A 15 -12.19 15.20 5.87
CA ALA A 15 -11.10 14.22 5.90
C ALA A 15 -9.86 14.77 6.60
N LYS A 16 -9.53 16.05 6.36
CA LYS A 16 -8.39 16.66 7.00
C LYS A 16 -8.59 16.78 8.51
N LEU A 17 -9.80 17.17 8.93
CA LEU A 17 -10.16 17.20 10.34
C LEU A 17 -10.00 15.82 10.98
N ALA A 18 -10.56 14.81 10.31
CA ALA A 18 -10.47 13.44 10.81
C ALA A 18 -9.03 12.96 10.99
N GLU A 19 -8.16 13.30 10.04
CA GLU A 19 -6.75 13.02 10.18
C GLU A 19 -6.17 13.65 11.47
N GLN A 20 -6.49 14.93 11.71
CA GLN A 20 -5.96 15.64 12.87
C GLN A 20 -6.43 14.98 14.17
N ALA A 21 -7.66 14.44 14.14
CA ALA A 21 -8.26 13.77 15.28
C ALA A 21 -7.91 12.27 15.36
N GLU A 22 -7.08 11.79 14.44
CA GLU A 22 -6.75 10.37 14.31
C GLU A 22 -7.96 9.44 14.20
N ARG A 23 -8.99 9.93 13.50
CA ARG A 23 -10.21 9.19 13.22
C ARG A 23 -10.16 8.62 11.79
N TYR A 24 -9.33 7.56 11.62
CA TYR A 24 -9.01 7.13 10.26
C TYR A 24 -10.16 6.42 9.52
N GLU A 25 -11.04 5.74 10.25
CA GLU A 25 -12.23 5.15 9.64
CA GLU A 25 -12.22 5.15 9.64
C GLU A 25 -13.11 6.25 9.06
N ASP A 26 -13.32 7.33 9.82
CA ASP A 26 -14.07 8.48 9.30
C ASP A 26 -13.36 9.09 8.10
N MET A 27 -12.03 9.27 8.22
CA MET A 27 -11.27 9.86 7.13
C MET A 27 -11.51 9.08 5.83
N ALA A 28 -11.42 7.74 5.94
CA ALA A 28 -11.58 6.86 4.79
C ALA A 28 -12.98 6.99 4.18
N ALA A 29 -14.00 7.02 5.03
CA ALA A 29 -15.35 7.19 4.54
C ALA A 29 -15.57 8.52 3.82
N PHE A 30 -15.00 9.61 4.37
CA PHE A 30 -15.05 10.90 3.69
C PHE A 30 -14.37 10.86 2.33
N MET A 31 -13.16 10.25 2.29
CA MET A 31 -12.45 10.21 1.01
C MET A 31 -13.11 9.29 -0.03
N LYS A 32 -13.70 8.17 0.43
CA LYS A 32 -14.51 7.36 -0.46
C LYS A 32 -15.65 8.17 -1.08
N GLY A 33 -16.33 8.99 -0.24
CA GLY A 33 -17.35 9.87 -0.74
C GLY A 33 -16.82 10.83 -1.77
N ALA A 34 -15.65 11.40 -1.48
CA ALA A 34 -15.05 12.33 -2.42
C ALA A 34 -14.74 11.67 -3.76
N VAL A 35 -14.15 10.46 -3.72
CA VAL A 35 -13.88 9.77 -4.98
C VAL A 35 -15.16 9.54 -5.79
N GLU A 36 -16.20 9.14 -5.08
CA GLU A 36 -17.45 8.80 -5.75
C GLU A 36 -18.16 10.01 -6.36
N LYS A 37 -17.70 11.24 -6.10
CA LYS A 37 -18.19 12.39 -6.85
C LYS A 37 -17.84 12.34 -8.33
N GLY A 38 -16.83 11.54 -8.68
CA GLY A 38 -16.50 11.26 -10.06
C GLY A 38 -15.40 12.09 -10.72
N GLU A 39 -14.95 13.14 -10.00
CA GLU A 39 -13.87 13.97 -10.50
C GLU A 39 -12.52 13.32 -10.15
N GLU A 40 -11.49 13.64 -10.95
CA GLU A 40 -10.14 13.22 -10.65
C GLU A 40 -9.67 13.87 -9.32
N LEU A 41 -8.67 13.26 -8.68
CA LEU A 41 -8.13 13.75 -7.42
C LEU A 41 -6.82 14.48 -7.69
N SER A 42 -6.65 15.60 -6.98
CA SER A 42 -5.37 16.29 -6.92
C SER A 42 -4.32 15.45 -6.18
N CYS A 43 -3.05 15.90 -6.23
CA CYS A 43 -2.01 15.25 -5.47
C CYS A 43 -2.33 15.17 -3.98
N GLU A 44 -2.70 16.33 -3.40
CA GLU A 44 -3.05 16.35 -1.99
C GLU A 44 -4.19 15.38 -1.67
N GLU A 45 -5.23 15.39 -2.51
CA GLU A 45 -6.38 14.52 -2.29
C GLU A 45 -6.03 13.01 -2.38
N ARG A 46 -5.16 12.66 -3.34
CA ARG A 46 -4.67 11.29 -3.47
C ARG A 46 -3.96 10.84 -2.19
N ASN A 47 -3.19 11.77 -1.61
CA ASN A 47 -2.48 11.41 -0.40
CA ASN A 47 -2.48 11.49 -0.36
C ASN A 47 -3.43 11.25 0.79
N LEU A 48 -4.53 12.03 0.84
CA LEU A 48 -5.50 11.86 1.91
C LEU A 48 -6.17 10.48 1.80
N LEU A 49 -6.55 10.09 0.58
CA LEU A 49 -7.12 8.76 0.35
C LEU A 49 -6.19 7.64 0.82
N SER A 50 -4.91 7.74 0.44
CA SER A 50 -3.97 6.68 0.77
CA SER A 50 -3.93 6.71 0.76
C SER A 50 -3.69 6.64 2.27
N VAL A 51 -3.49 7.81 2.90
CA VAL A 51 -3.27 7.83 4.34
C VAL A 51 -4.41 7.17 5.10
N ALA A 52 -5.65 7.55 4.73
CA ALA A 52 -6.78 7.03 5.46
C ALA A 52 -6.84 5.50 5.43
N TYR A 53 -6.84 4.94 4.23
CA TYR A 53 -6.96 3.48 4.09
C TYR A 53 -5.72 2.74 4.60
N LYS A 54 -4.53 3.34 4.48
CA LYS A 54 -3.35 2.69 5.01
C LYS A 54 -3.48 2.47 6.50
N ASN A 55 -3.98 3.50 7.21
CA ASN A 55 -4.16 3.43 8.64
C ASN A 55 -5.23 2.42 9.02
N VAL A 56 -6.37 2.42 8.30
CA VAL A 56 -7.41 1.45 8.59
C VAL A 56 -6.89 0.01 8.41
N VAL A 57 -6.35 -0.29 7.22
CA VAL A 57 -5.95 -1.66 6.96
C VAL A 57 -4.74 -2.02 7.81
N GLY A 58 -3.91 -1.03 8.15
CA GLY A 58 -2.75 -1.31 9.00
C GLY A 58 -3.15 -1.83 10.36
N GLY A 59 -4.19 -1.25 10.95
CA GLY A 59 -4.69 -1.75 12.21
C GLY A 59 -5.30 -3.15 12.08
N GLN A 60 -6.00 -3.39 10.96
CA GLN A 60 -6.58 -4.71 10.72
C GLN A 60 -5.48 -5.77 10.58
N ARG A 61 -4.42 -5.44 9.82
CA ARG A 61 -3.31 -6.35 9.63
C ARG A 61 -2.65 -6.68 10.96
N ALA A 62 -2.42 -5.67 11.81
CA ALA A 62 -1.78 -5.93 13.09
C ALA A 62 -2.63 -6.87 13.94
N ALA A 63 -3.95 -6.65 13.92
CA ALA A 63 -4.87 -7.48 14.69
C ALA A 63 -4.90 -8.92 14.14
N TRP A 64 -4.96 -9.04 12.82
CA TRP A 64 -4.96 -10.35 12.18
C TRP A 64 -3.70 -11.13 12.56
N ARG A 65 -2.54 -10.47 12.59
CA ARG A 65 -1.31 -11.15 12.95
C ARG A 65 -1.35 -11.67 14.38
N VAL A 66 -1.88 -10.87 15.31
CA VAL A 66 -1.99 -11.32 16.69
C VAL A 66 -2.84 -12.58 16.77
N LEU A 67 -4.00 -12.54 16.10
CA LEU A 67 -4.96 -13.64 16.17
C LEU A 67 -4.41 -14.89 15.47
N SER A 68 -3.77 -14.70 14.31
CA SER A 68 -3.16 -15.81 13.60
CA SER A 68 -3.17 -15.83 13.61
C SER A 68 -2.10 -16.54 14.44
N SER A 69 -1.30 -15.78 15.19
CA SER A 69 -0.27 -16.37 16.04
C SER A 69 -0.89 -17.20 17.17
N ILE A 70 -1.98 -16.68 17.76
CA ILE A 70 -2.70 -17.41 18.79
C ILE A 70 -3.27 -18.71 18.22
N GLU A 71 -3.83 -18.61 17.02
CA GLU A 71 -4.43 -19.76 16.36
C GLU A 71 -3.38 -20.82 16.06
N GLN A 72 -2.21 -20.39 15.56
CA GLN A 72 -1.12 -21.30 15.29
C GLN A 72 -0.64 -22.04 16.54
N LYS A 73 -0.54 -21.32 17.66
CA LYS A 73 -0.15 -21.95 18.92
C LYS A 73 -1.18 -22.98 19.39
N SER A 74 -2.48 -22.69 19.16
CA SER A 74 -3.53 -23.63 19.52
C SER A 74 -3.47 -24.95 18.76
N ASN A 75 -2.82 -24.96 17.60
CA ASN A 75 -2.73 -26.17 16.78
C ASN A 75 -1.39 -26.89 16.93
N GLU A 76 -0.62 -26.54 17.97
CA GLU A 76 0.59 -27.26 18.34
C GLU A 76 0.29 -28.48 19.21
N GLU A 77 1.18 -29.48 19.16
CA GLU A 77 1.10 -30.63 20.05
C GLU A 77 1.17 -30.18 21.51
N GLY A 78 0.30 -30.76 22.34
CA GLY A 78 0.25 -30.43 23.76
C GLY A 78 -0.73 -29.30 24.11
N SER A 79 -1.23 -28.60 23.07
CA SER A 79 -2.18 -27.52 23.25
C SER A 79 -3.57 -28.05 23.58
N GLU A 80 -4.19 -27.47 24.61
CA GLU A 80 -5.51 -27.89 25.04
C GLU A 80 -6.54 -27.34 24.04
N GLU A 81 -7.56 -28.16 23.75
CA GLU A 81 -8.64 -27.77 22.86
C GLU A 81 -9.49 -26.68 23.50
N LYS A 82 -9.72 -25.57 22.78
CA LYS A 82 -10.47 -24.45 23.34
C LYS A 82 -11.71 -24.10 22.53
N GLY A 83 -12.02 -24.95 21.54
CA GLY A 83 -13.20 -24.75 20.71
C GLY A 83 -12.96 -23.86 19.50
N PRO A 84 -14.03 -23.46 18.78
CA PRO A 84 -13.90 -22.77 17.51
C PRO A 84 -13.66 -21.25 17.58
N GLU A 85 -13.60 -20.69 18.80
CA GLU A 85 -13.66 -19.25 18.94
C GLU A 85 -12.47 -18.49 18.36
N VAL A 86 -11.25 -19.02 18.52
CA VAL A 86 -10.09 -18.35 17.97
C VAL A 86 -10.20 -18.26 16.45
N ARG A 87 -10.50 -19.40 15.81
CA ARG A 87 -10.67 -19.41 14.36
C ARG A 87 -11.80 -18.46 13.94
N GLU A 88 -12.95 -18.51 14.63
CA GLU A 88 -14.07 -17.66 14.27
C GLU A 88 -13.68 -16.17 14.31
N TYR A 89 -12.97 -15.75 15.37
CA TYR A 89 -12.67 -14.35 15.53
C TYR A 89 -11.57 -13.92 14.55
N ARG A 90 -10.59 -14.80 14.30
CA ARG A 90 -9.63 -14.53 13.25
C ARG A 90 -10.32 -14.34 11.90
N GLU A 91 -11.27 -15.23 11.59
CA GLU A 91 -12.06 -15.12 10.38
C GLU A 91 -12.88 -13.83 10.29
N LYS A 92 -13.43 -13.37 11.41
CA LYS A 92 -14.17 -12.11 11.43
C LYS A 92 -13.27 -10.94 11.04
N VAL A 93 -12.10 -10.88 11.67
CA VAL A 93 -11.16 -9.81 11.38
C VAL A 93 -10.69 -9.92 9.93
N GLU A 94 -10.37 -11.15 9.51
CA GLU A 94 -9.94 -11.34 8.13
C GLU A 94 -10.97 -10.85 7.11
N THR A 95 -12.25 -11.19 7.34
CA THR A 95 -13.31 -10.80 6.43
C THR A 95 -13.45 -9.28 6.35
N GLU A 96 -13.31 -8.61 7.49
CA GLU A 96 -13.36 -7.16 7.52
C GLU A 96 -12.19 -6.55 6.75
N LEU A 97 -10.98 -7.12 6.95
CA LEU A 97 -9.81 -6.68 6.21
C LEU A 97 -9.97 -6.84 4.70
N GLN A 98 -10.46 -8.02 4.29
CA GLN A 98 -10.71 -8.26 2.88
C GLN A 98 -11.73 -7.27 2.33
N GLY A 99 -12.75 -6.94 3.12
CA GLY A 99 -13.73 -5.95 2.70
C GLY A 99 -13.15 -4.56 2.44
N VAL A 100 -12.21 -4.14 3.30
CA VAL A 100 -11.54 -2.86 3.14
C VAL A 100 -10.70 -2.89 1.85
N CYS A 101 -9.92 -3.98 1.68
CA CYS A 101 -9.16 -4.11 0.45
C CYS A 101 -10.03 -4.06 -0.80
N ASP A 102 -11.14 -4.81 -0.79
CA ASP A 102 -12.05 -4.80 -1.92
C ASP A 102 -12.65 -3.42 -2.18
N THR A 103 -12.90 -2.66 -1.12
CA THR A 103 -13.40 -1.29 -1.27
C THR A 103 -12.39 -0.42 -2.00
N VAL A 104 -11.12 -0.48 -1.54
CA VAL A 104 -10.09 0.32 -2.17
C VAL A 104 -9.89 -0.06 -3.63
N LEU A 105 -9.78 -1.39 -3.88
CA LEU A 105 -9.61 -1.88 -5.24
C LEU A 105 -10.79 -1.46 -6.13
N GLY A 106 -11.98 -1.45 -5.54
CA GLY A 106 -13.14 -0.99 -6.29
C GLY A 106 -13.10 0.48 -6.69
N LEU A 107 -12.59 1.34 -5.80
CA LEU A 107 -12.42 2.73 -6.12
C LEU A 107 -11.40 2.92 -7.24
N LEU A 108 -10.31 2.15 -7.14
CA LEU A 108 -9.29 2.24 -8.17
C LEU A 108 -9.83 1.83 -9.53
N ASP A 109 -10.64 0.75 -9.53
CA ASP A 109 -11.23 0.24 -10.77
C ASP A 109 -12.42 1.05 -11.30
N SER A 110 -13.05 1.86 -10.44
CA SER A 110 -14.24 2.63 -10.77
C SER A 110 -14.17 4.05 -10.19
N HIS A 111 -13.40 4.97 -10.81
CA HIS A 111 -12.73 4.85 -12.09
C HIS A 111 -11.38 5.57 -12.02
N LEU A 112 -10.69 5.47 -10.89
CA LEU A 112 -9.50 6.29 -10.70
C LEU A 112 -8.39 5.97 -11.70
N ILE A 113 -8.08 4.69 -11.89
CA ILE A 113 -6.98 4.31 -12.76
C ILE A 113 -7.26 4.66 -14.22
N LYS A 114 -8.47 4.35 -14.70
CA LYS A 114 -8.70 4.59 -16.11
C LYS A 114 -8.67 6.07 -16.50
N GLU A 115 -8.94 6.99 -15.57
CA GLU A 115 -8.90 8.40 -15.91
CA GLU A 115 -8.92 8.42 -15.84
C GLU A 115 -7.55 9.05 -15.60
N ALA A 116 -6.59 8.29 -15.02
CA ALA A 116 -5.29 8.81 -14.62
C ALA A 116 -4.31 8.67 -15.77
N GLY A 117 -3.95 9.81 -16.37
CA GLY A 117 -3.09 9.86 -17.54
C GLY A 117 -1.67 10.36 -17.26
N ASP A 118 -1.55 11.20 -16.24
CA ASP A 118 -0.23 11.69 -15.90
C ASP A 118 0.53 10.61 -15.16
N ALA A 119 1.84 10.54 -15.39
CA ALA A 119 2.62 9.49 -14.77
C ALA A 119 2.50 9.48 -13.26
N GLU A 120 2.54 10.67 -12.62
CA GLU A 120 2.52 10.76 -11.18
CA GLU A 120 2.52 10.72 -11.17
C GLU A 120 1.23 10.12 -10.62
N SER A 121 0.08 10.43 -11.24
CA SER A 121 -1.16 9.86 -10.74
CA SER A 121 -1.18 9.86 -10.77
C SER A 121 -1.30 8.37 -11.04
N ARG A 122 -0.99 7.98 -12.29
CA ARG A 122 -1.15 6.60 -12.69
C ARG A 122 -0.25 5.67 -11.87
N VAL A 123 1.00 6.08 -11.66
CA VAL A 123 1.91 5.28 -10.84
C VAL A 123 1.40 5.18 -9.41
N PHE A 124 0.95 6.33 -8.85
CA PHE A 124 0.42 6.33 -7.50
C PHE A 124 -0.70 5.28 -7.35
N TYR A 125 -1.69 5.31 -8.26
CA TYR A 125 -2.81 4.40 -8.17
C TYR A 125 -2.45 2.93 -8.40
N LEU A 126 -1.52 2.68 -9.35
CA LEU A 126 -1.09 1.32 -9.59
C LEU A 126 -0.30 0.76 -8.40
N LYS A 127 0.53 1.60 -7.76
CA LYS A 127 1.16 1.21 -6.50
C LYS A 127 0.13 0.79 -5.45
N MET A 128 -0.95 1.59 -5.31
CA MET A 128 -2.02 1.26 -4.38
CA MET A 128 -2.01 1.25 -4.37
C MET A 128 -2.63 -0.11 -4.74
N LYS A 129 -2.90 -0.32 -6.04
CA LYS A 129 -3.48 -1.59 -6.49
C LYS A 129 -2.58 -2.76 -6.08
N GLY A 130 -1.26 -2.63 -6.29
CA GLY A 130 -0.31 -3.65 -5.86
C GLY A 130 -0.37 -3.89 -4.36
N ASP A 131 -0.35 -2.78 -3.62
CA ASP A 131 -0.37 -2.84 -2.17
C ASP A 131 -1.57 -3.61 -1.63
N TYR A 132 -2.77 -3.25 -2.13
CA TYR A 132 -3.99 -3.87 -1.59
C TYR A 132 -4.17 -5.33 -2.03
N TYR A 133 -3.70 -5.69 -3.24
CA TYR A 133 -3.61 -7.12 -3.56
C TYR A 133 -2.59 -7.85 -2.69
N ARG A 134 -1.48 -7.16 -2.33
CA ARG A 134 -0.51 -7.73 -1.41
C ARG A 134 -1.12 -7.99 -0.04
N TYR A 135 -1.94 -7.05 0.46
CA TYR A 135 -2.60 -7.31 1.73
C TYR A 135 -3.57 -8.50 1.64
N LEU A 136 -4.31 -8.60 0.53
CA LEU A 136 -5.13 -9.78 0.31
C LEU A 136 -4.28 -11.07 0.28
N ALA A 137 -3.10 -11.00 -0.34
CA ALA A 137 -2.22 -12.17 -0.41
C ALA A 137 -1.75 -12.61 0.96
N GLU A 138 -1.50 -11.65 1.86
CA GLU A 138 -1.04 -11.97 3.20
C GLU A 138 -1.96 -12.94 3.93
N VAL A 139 -3.27 -12.88 3.64
CA VAL A 139 -4.25 -13.69 4.35
C VAL A 139 -4.82 -14.84 3.51
N ALA A 140 -4.41 -14.91 2.24
CA ALA A 140 -4.94 -15.89 1.30
C ALA A 140 -4.32 -17.25 1.56
N THR A 141 -5.17 -18.28 1.54
CA THR A 141 -4.73 -19.66 1.73
C THR A 141 -5.37 -20.62 0.74
N GLY A 142 -6.20 -20.11 -0.18
CA GLY A 142 -7.06 -20.98 -0.96
C GLY A 142 -6.67 -21.12 -2.43
N ASP A 143 -7.67 -21.55 -3.22
CA ASP A 143 -7.55 -21.77 -4.65
C ASP A 143 -7.13 -20.54 -5.44
N ASP A 144 -7.41 -19.36 -4.86
CA ASP A 144 -7.16 -18.09 -5.51
C ASP A 144 -5.86 -17.39 -5.09
N LYS A 145 -5.07 -17.99 -4.19
CA LYS A 145 -3.87 -17.33 -3.70
C LYS A 145 -2.89 -16.96 -4.82
N LYS A 146 -2.65 -17.92 -5.73
CA LYS A 146 -1.78 -17.66 -6.86
C LYS A 146 -2.28 -16.47 -7.68
N ARG A 147 -3.60 -16.41 -7.90
CA ARG A 147 -4.15 -15.38 -8.78
C ARG A 147 -4.05 -14.02 -8.09
N ILE A 148 -4.24 -13.99 -6.77
CA ILE A 148 -4.10 -12.74 -6.03
C ILE A 148 -2.65 -12.24 -6.10
N ILE A 149 -1.70 -13.15 -5.90
CA ILE A 149 -0.28 -12.80 -5.99
C ILE A 149 0.04 -12.23 -7.37
N ASP A 150 -0.48 -12.89 -8.42
CA ASP A 150 -0.21 -12.41 -9.76
C ASP A 150 -0.83 -11.03 -10.04
N SER A 151 -2.01 -10.77 -9.46
CA SER A 151 -2.62 -9.46 -9.59
C SER A 151 -1.78 -8.37 -8.93
N ALA A 152 -1.22 -8.65 -7.74
CA ALA A 152 -0.30 -7.71 -7.12
C ALA A 152 0.91 -7.47 -8.04
N ARG A 153 1.53 -8.55 -8.46
CA ARG A 153 2.72 -8.48 -9.30
CA ARG A 153 2.72 -8.47 -9.30
C ARG A 153 2.47 -7.63 -10.55
N SER A 154 1.34 -7.90 -11.22
CA SER A 154 1.03 -7.20 -12.45
C SER A 154 0.87 -5.69 -12.27
N ALA A 155 0.20 -5.31 -11.19
CA ALA A 155 -0.01 -3.90 -10.91
C ALA A 155 1.32 -3.20 -10.60
N TYR A 156 2.13 -3.83 -9.74
CA TYR A 156 3.43 -3.26 -9.41
C TYR A 156 4.29 -3.14 -10.67
N GLN A 157 4.26 -4.19 -11.53
CA GLN A 157 5.08 -4.18 -12.71
C GLN A 157 4.71 -3.05 -13.68
N GLU A 158 3.39 -2.84 -13.91
CA GLU A 158 2.97 -1.72 -14.75
C GLU A 158 3.44 -0.37 -14.16
N ALA A 159 3.31 -0.22 -12.84
CA ALA A 159 3.77 1.00 -12.19
C ALA A 159 5.27 1.18 -12.37
N MET A 160 6.06 0.09 -12.23
CA MET A 160 7.52 0.18 -12.36
CA MET A 160 7.51 0.17 -12.36
C MET A 160 7.87 0.60 -13.78
N ASP A 161 7.18 0.03 -14.77
CA ASP A 161 7.52 0.34 -16.14
C ASP A 161 7.29 1.83 -16.45
N ILE A 162 6.13 2.36 -16.02
CA ILE A 162 5.87 3.79 -16.20
C ILE A 162 6.89 4.66 -15.46
N SER A 163 7.16 4.31 -14.20
CA SER A 163 8.03 5.11 -13.37
C SER A 163 9.44 5.20 -13.95
N LYS A 164 9.97 4.10 -14.49
CA LYS A 164 11.30 4.10 -15.07
C LYS A 164 11.36 4.96 -16.33
N LYS A 165 10.26 5.01 -17.10
CA LYS A 165 10.23 5.78 -18.33
C LYS A 165 10.04 7.29 -18.08
N GLU A 166 9.21 7.60 -17.08
CA GLU A 166 8.65 8.94 -16.95
C GLU A 166 9.07 9.77 -15.75
N MET A 167 9.75 9.15 -14.77
CA MET A 167 10.10 9.82 -13.53
CA MET A 167 10.11 9.87 -13.55
C MET A 167 11.60 9.70 -13.25
N PRO A 168 12.22 10.70 -12.58
CA PRO A 168 13.62 10.58 -12.21
C PRO A 168 13.81 9.54 -11.12
N PRO A 169 15.03 8.95 -11.00
CA PRO A 169 15.26 7.91 -10.02
C PRO A 169 15.10 8.32 -8.57
N THR A 170 15.14 9.65 -8.33
CA THR A 170 14.90 10.17 -6.98
C THR A 170 13.45 10.52 -6.66
N ASN A 171 12.53 10.37 -7.63
CA ASN A 171 11.15 10.73 -7.39
C ASN A 171 10.60 9.93 -6.21
N PRO A 172 10.00 10.52 -5.18
CA PRO A 172 9.51 9.79 -4.02
C PRO A 172 8.52 8.67 -4.33
N ILE A 173 7.60 8.93 -5.26
CA ILE A 173 6.64 7.90 -5.64
C ILE A 173 7.39 6.68 -6.22
N ARG A 174 8.28 6.96 -7.17
CA ARG A 174 9.12 5.89 -7.72
C ARG A 174 9.85 5.11 -6.64
N LEU A 175 10.48 5.82 -5.69
CA LEU A 175 11.21 5.17 -4.63
C LEU A 175 10.32 4.31 -3.72
N GLY A 176 9.16 4.86 -3.36
CA GLY A 176 8.25 4.14 -2.49
C GLY A 176 7.63 2.91 -3.16
N LEU A 177 7.36 3.04 -4.45
CA LEU A 177 6.89 1.90 -5.25
C LEU A 177 7.93 0.78 -5.22
N ALA A 178 9.21 1.13 -5.47
CA ALA A 178 10.28 0.14 -5.49
C ALA A 178 10.44 -0.51 -4.12
N LEU A 179 10.44 0.31 -3.06
CA LEU A 179 10.48 -0.21 -1.69
C LEU A 179 9.44 -1.31 -1.51
N ASN A 180 8.18 -0.98 -1.83
CA ASN A 180 7.08 -1.92 -1.60
C ASN A 180 7.11 -3.14 -2.51
N PHE A 181 7.48 -2.95 -3.78
CA PHE A 181 7.57 -4.10 -4.68
C PHE A 181 8.69 -5.04 -4.23
N SER A 182 9.81 -4.49 -3.70
CA SER A 182 10.87 -5.28 -3.14
C SER A 182 10.35 -6.09 -1.95
N VAL A 183 9.56 -5.49 -1.05
CA VAL A 183 8.95 -6.24 0.03
C VAL A 183 8.02 -7.34 -0.51
N PHE A 184 7.20 -7.03 -1.51
CA PHE A 184 6.41 -8.06 -2.17
C PHE A 184 7.28 -9.26 -2.57
N HIS A 185 8.40 -9.01 -3.25
CA HIS A 185 9.27 -10.11 -3.63
C HIS A 185 9.72 -10.93 -2.42
N TYR A 186 10.13 -10.26 -1.34
CA TYR A 186 10.69 -10.95 -0.20
C TYR A 186 9.66 -11.72 0.60
N GLU A 187 8.51 -11.08 0.85
CA GLU A 187 7.55 -11.57 1.83
C GLU A 187 6.40 -12.38 1.22
N ILE A 188 6.09 -12.13 -0.06
CA ILE A 188 4.94 -12.74 -0.72
C ILE A 188 5.32 -13.74 -1.81
N ALA A 189 6.26 -13.34 -2.68
CA ALA A 189 6.64 -14.11 -3.86
C ALA A 189 7.79 -15.08 -3.63
N ASN A 190 8.32 -15.18 -2.39
CA ASN A 190 9.39 -16.14 -2.12
C ASN A 190 10.59 -15.91 -3.04
N SER A 191 10.96 -14.62 -3.22
CA SER A 191 12.01 -14.21 -4.13
C SER A 191 12.95 -13.23 -3.43
N PRO A 192 13.66 -13.66 -2.36
CA PRO A 192 14.49 -12.72 -1.61
C PRO A 192 15.61 -12.12 -2.47
N GLU A 193 16.20 -12.89 -3.39
CA GLU A 193 17.26 -12.33 -4.21
C GLU A 193 16.76 -11.18 -5.09
N GLU A 194 15.56 -11.34 -5.67
CA GLU A 194 14.95 -10.25 -6.44
C GLU A 194 14.69 -9.02 -5.55
N ALA A 195 14.19 -9.26 -4.34
CA ALA A 195 13.95 -8.20 -3.39
C ALA A 195 15.20 -7.38 -3.09
N ILE A 196 16.31 -8.09 -2.85
CA ILE A 196 17.58 -7.46 -2.50
C ILE A 196 18.13 -6.71 -3.70
N SER A 197 18.12 -7.31 -4.88
CA SER A 197 18.59 -6.68 -6.10
CA SER A 197 18.60 -6.68 -6.10
C SER A 197 17.84 -5.39 -6.38
N LEU A 198 16.50 -5.44 -6.28
CA LEU A 198 15.68 -4.26 -6.52
C LEU A 198 16.01 -3.16 -5.53
N ALA A 199 16.04 -3.49 -4.25
CA ALA A 199 16.36 -2.45 -3.27
C ALA A 199 17.72 -1.79 -3.51
N LYS A 200 18.73 -2.60 -3.81
CA LYS A 200 20.07 -2.06 -4.01
CA LYS A 200 20.09 -2.11 -4.05
C LYS A 200 20.17 -1.20 -5.27
N THR A 201 19.63 -1.68 -6.40
CA THR A 201 19.68 -0.93 -7.65
C THR A 201 18.91 0.40 -7.50
N THR A 202 17.76 0.34 -6.84
CA THR A 202 16.98 1.56 -6.62
C THR A 202 17.78 2.57 -5.80
N PHE A 203 18.36 2.10 -4.69
CA PHE A 203 19.16 2.97 -3.83
C PHE A 203 20.29 3.64 -4.61
N ASP A 204 21.04 2.83 -5.34
CA ASP A 204 22.22 3.31 -6.05
C ASP A 204 21.90 4.30 -7.16
N GLU A 205 20.80 4.07 -7.88
CA GLU A 205 20.43 4.98 -8.95
C GLU A 205 19.90 6.30 -8.39
N ALA A 206 19.26 6.23 -7.22
CA ALA A 206 18.83 7.45 -6.56
C ALA A 206 20.03 8.26 -6.05
N MET A 207 20.99 7.58 -5.42
CA MET A 207 22.16 8.27 -4.90
CA MET A 207 22.22 8.21 -4.92
C MET A 207 22.84 9.10 -6.00
N ALA A 208 22.96 8.55 -7.20
CA ALA A 208 23.61 9.20 -8.31
C ALA A 208 22.88 10.43 -8.85
N ASP A 209 21.60 10.60 -8.50
CA ASP A 209 20.79 11.71 -8.96
C ASP A 209 20.54 12.78 -7.89
N LEU A 210 20.94 12.54 -6.64
CA LEU A 210 20.73 13.49 -5.55
C LEU A 210 21.29 14.89 -5.83
N HIS A 211 22.34 14.97 -6.63
CA HIS A 211 23.01 16.24 -6.88
C HIS A 211 22.14 17.24 -7.62
N THR A 212 21.08 16.75 -8.29
CA THR A 212 20.17 17.58 -9.07
C THR A 212 19.11 18.30 -8.24
N LEU A 213 18.99 17.90 -6.97
CA LEU A 213 17.85 18.25 -6.13
C LEU A 213 18.06 19.46 -5.23
N SER A 214 16.96 20.18 -4.98
CA SER A 214 16.88 21.17 -3.93
C SER A 214 17.04 20.54 -2.55
N GLU A 215 17.30 21.39 -1.53
CA GLU A 215 17.36 20.92 -0.15
C GLU A 215 16.11 20.14 0.27
N ASP A 216 14.92 20.69 -0.03
CA ASP A 216 13.69 20.02 0.38
C ASP A 216 13.46 18.70 -0.37
N SER A 217 13.75 18.65 -1.67
CA SER A 217 13.60 17.40 -2.43
C SER A 217 14.62 16.35 -1.97
N TYR A 218 15.83 16.81 -1.68
CA TYR A 218 16.85 15.93 -1.13
C TYR A 218 16.40 15.25 0.16
N LYS A 219 15.78 16.02 1.05
CA LYS A 219 15.29 15.47 2.31
C LYS A 219 14.25 14.37 2.06
N ASP A 220 13.29 14.64 1.17
CA ASP A 220 12.27 13.66 0.83
C ASP A 220 12.85 12.36 0.29
N SER A 221 13.74 12.49 -0.70
CA SER A 221 14.30 11.31 -1.34
C SER A 221 15.18 10.51 -0.38
N THR A 222 16.04 11.19 0.38
CA THR A 222 16.94 10.49 1.28
C THR A 222 16.21 9.74 2.39
N LEU A 223 15.06 10.25 2.82
CA LEU A 223 14.28 9.58 3.84
CA LEU A 223 14.34 9.55 3.86
C LEU A 223 13.83 8.20 3.33
N ILE A 224 13.37 8.14 2.09
CA ILE A 224 12.91 6.86 1.56
C ILE A 224 14.10 5.94 1.27
N MET A 225 15.19 6.53 0.78
CA MET A 225 16.41 5.77 0.56
C MET A 225 16.85 5.07 1.84
N GLN A 226 16.69 5.75 2.98
CA GLN A 226 17.03 5.13 4.26
C GLN A 226 16.19 3.88 4.55
N LEU A 227 14.91 3.90 4.17
CA LEU A 227 14.07 2.71 4.30
C LEU A 227 14.55 1.54 3.44
N LEU A 228 15.00 1.84 2.22
CA LEU A 228 15.60 0.81 1.39
C LEU A 228 16.82 0.20 2.09
N ARG A 229 17.68 1.07 2.65
CA ARG A 229 18.89 0.63 3.34
C ARG A 229 18.51 -0.20 4.57
N ASP A 230 17.48 0.23 5.29
CA ASP A 230 17.03 -0.50 6.46
C ASP A 230 16.60 -1.92 6.10
N ASN A 231 15.84 -2.06 5.01
CA ASN A 231 15.44 -3.39 4.56
C ASN A 231 16.64 -4.23 4.15
N LEU A 232 17.54 -3.63 3.37
CA LEU A 232 18.74 -4.33 2.99
C LEU A 232 19.52 -4.84 4.20
N THR A 233 19.59 -4.02 5.28
CA THR A 233 20.29 -4.43 6.49
C THR A 233 19.57 -5.60 7.17
N LEU A 234 18.24 -5.57 7.17
CA LEU A 234 17.45 -6.66 7.71
C LEU A 234 17.66 -7.98 6.96
N TRP A 235 17.88 -7.89 5.64
CA TRP A 235 17.87 -9.05 4.76
C TRP A 235 19.25 -9.62 4.44
N THR A 236 20.31 -8.89 4.83
CA THR A 236 21.68 -9.30 4.54
C THR A 236 22.55 -9.39 5.82
N PHE B 1 9.11 -6.92 10.89
CA PHE B 1 8.55 -6.70 9.56
C PHE B 1 9.32 -5.63 8.79
N PRO B 2 9.46 -5.76 7.45
CA PRO B 2 10.18 -4.75 6.68
C PRO B 2 9.38 -3.47 6.46
N ALA B 3 10.08 -2.41 6.08
CA ALA B 3 9.46 -1.10 5.88
C ALA B 3 8.76 -1.03 4.53
N TPO B 4 7.53 -0.46 4.57
CA TPO B 4 6.78 -0.07 3.39
CB TPO B 4 5.68 -1.09 3.05
CG2 TPO B 4 6.25 -2.45 2.67
OG1 TPO B 4 4.85 -1.21 4.27
P TPO B 4 3.43 -1.99 4.25
O1P TPO B 4 3.68 -3.50 4.30
O2P TPO B 4 2.77 -1.49 5.52
O3P TPO B 4 2.72 -1.61 2.99
C TPO B 4 6.19 1.32 3.62
O TPO B 4 6.07 1.75 4.76
N VAL B 5 5.85 1.99 2.51
CA VAL B 5 5.21 3.29 2.61
C VAL B 5 3.89 3.39 1.92
C4 A1I0T C . 9.01 11.23 2.31
C14 A1I0T C . 3.84 11.25 -0.29
C5 A1I0T C . 7.86 10.85 1.61
C6 A1I0T C . 6.14 10.62 0.33
C11 A1I0T C . 2.28 12.97 -4.56
C7 A1I0T C . 5.16 11.05 -0.68
C8 A1I0T C . 5.48 11.30 -2.01
C9 A1I0T C . 4.52 11.73 -2.91
C10 A1I0T C . 3.19 11.89 -2.51
C12 A1I0T C . 0.98 13.43 -5.18
C13 A1I0T C . 2.88 11.67 -1.17
N1 A1I0T C . 7.17 11.47 0.66
N2 A1I0T C . 2.16 12.30 -3.41
C3 A1I0T C . 9.49 10.40 3.26
N3 A1I0T C . 5.43 8.32 1.22
C1 A1I0T C . 9.39 8.24 4.65
C2 A1I0T C . 8.87 9.18 3.59
O1 A1I0T C . 3.35 13.27 -5.08
F1 A1I0T C . 3.47 11.03 1.00
C15 A1I0T C . 6.16 9.48 1.13
C16 A1I0T C . 4.84 7.75 0.05
C17 A1I0T C . 3.46 7.56 0.04
C18 A1I0T C . 2.60 7.91 1.22
C19 A1I0T C . 2.90 7.06 -1.14
C20 A1I0T C . 3.68 6.78 -2.24
C21 A1I0T C . 5.04 6.95 -2.19
C22 A1I0T C . 5.65 7.45 -1.04
C23 A1I0T C . 7.13 7.66 -1.00
N4 A1I0T C . 7.27 9.64 1.94
C24 A1I0T C . 7.78 8.80 2.89
CL CL D . -19.95 15.23 9.65
CA CA E . -24.87 12.18 2.58
CA CA F . -21.34 20.16 -5.58
CA CA G . -11.31 -16.51 5.36
CA CA H . 22.45 -15.17 -3.36
#